data_5TDL
#
_entry.id   5TDL
#
_cell.length_a   172.072
_cell.length_b   172.072
_cell.length_c   172.072
_cell.angle_alpha   90.000
_cell.angle_beta   90.000
_cell.angle_gamma   90.000
#
_symmetry.space_group_name_H-M   'P 41 3 2'
#
loop_
_entity.id
_entity.type
_entity.pdbx_description
1 polymer 'Bovine prefusion RSV F glycoprotein'
2 non-polymer 2-acetamido-2-deoxy-beta-D-glucopyranose
#
_entity_poly.entity_id   1
_entity_poly.type   'polypeptide(L)'
_entity_poly.pdbx_seq_one_letter_code
;MAATAMRMIISIIFISTYMTHITLCQNITEEFYQSTCSAVSRGYLSALRTGWYTSVVTIELSKIQKNVCKSTDSKVKLIK
QELERYNNAVIELQSLMCNEPASFSGSGSAIASGVAVCKVLHLEGEVNKIKNALLSTNKAVVSLSNGVSVLTFKVLDLKN
YIDKELLPKLNNHDCRISNIETVIEFQQKNNRLLEIAREFSVNAGITTPLSTYMLTNSELLSLINDMPITNDQKKLMSSN
VQIVRQQSYSIMCVVKEEVIAYVVQLPIYGVIDTPCWKLHTSPLCTTDNKEGSNICLTRTDRGWYCDNAGSVSFFPQAET
CKVCSNRVFCDTMNSLTLPTDVNLCNTDIFNTKYDCKIMTSKTDISSSVITSIGAIVSCYGKTKCTASNKNRGIIKTFSN
GCDYVSNKGVDTVSVGNTLYYVNKLEGKALYIKGEPIINYYDPLVFPSDEFDASIAQVNAKINQSLAFIRRSDELLSAIG
GYIPEAPRDGQAYVRKDGEWVLLSTFLGGLVPRGSHHHHHHSAWSHPQFEK
;
_entity_poly.pdbx_strand_id   A
#
# COMPACT_ATOMS: atom_id res chain seq x y z
N GLN A 26 -20.14 19.84 -2.39
CA GLN A 26 -18.96 20.59 -2.77
C GLN A 26 -17.69 19.99 -2.14
N ASN A 27 -17.86 18.94 -1.34
CA ASN A 27 -16.73 18.28 -0.70
C ASN A 27 -16.63 16.82 -1.09
N ILE A 28 -17.49 15.98 -0.51
CA ILE A 28 -17.48 14.54 -0.75
C ILE A 28 -18.90 14.10 -1.08
N THR A 29 -19.10 13.58 -2.28
CA THR A 29 -20.41 13.17 -2.76
C THR A 29 -20.41 11.68 -3.11
N GLU A 30 -21.60 11.16 -3.37
CA GLU A 30 -21.79 9.76 -3.70
C GLU A 30 -23.16 9.58 -4.34
N GLU A 31 -23.24 8.70 -5.33
CA GLU A 31 -24.49 8.46 -6.04
C GLU A 31 -24.67 6.96 -6.24
N PHE A 32 -25.87 6.46 -5.95
CA PHE A 32 -26.21 5.06 -6.09
C PHE A 32 -27.09 4.87 -7.31
N TYR A 33 -26.76 3.87 -8.12
CA TYR A 33 -27.52 3.55 -9.33
C TYR A 33 -28.38 2.33 -9.06
N GLN A 34 -29.70 2.53 -9.05
CA GLN A 34 -30.60 1.42 -8.84
C GLN A 34 -30.61 0.47 -10.03
N SER A 35 -30.38 1.00 -11.24
CA SER A 35 -30.41 0.16 -12.43
C SER A 35 -29.31 -0.88 -12.42
N THR A 36 -28.17 -0.59 -11.79
CA THR A 36 -27.01 -1.45 -11.84
C THR A 36 -26.61 -2.02 -10.48
N CYS A 37 -27.31 -1.65 -9.40
CA CYS A 37 -26.96 -2.07 -8.05
C CYS A 37 -25.50 -1.76 -7.74
N SER A 38 -25.10 -0.54 -8.02
CA SER A 38 -23.72 -0.11 -7.80
C SER A 38 -23.73 1.36 -7.41
N ALA A 39 -22.74 1.74 -6.59
CA ALA A 39 -22.61 3.10 -6.12
C ALA A 39 -21.21 3.61 -6.42
N VAL A 40 -21.12 4.90 -6.68
CA VAL A 40 -19.85 5.56 -6.96
C VAL A 40 -19.67 6.70 -5.96
N SER A 41 -18.54 6.70 -5.26
CA SER A 41 -18.19 7.75 -4.32
C SER A 41 -17.20 8.69 -4.99
N ARG A 42 -17.61 9.95 -5.16
CA ARG A 42 -16.81 10.92 -5.91
C ARG A 42 -16.38 12.07 -5.00
N GLY A 43 -15.33 12.77 -5.43
CA GLY A 43 -14.78 13.88 -4.69
C GLY A 43 -13.37 13.69 -4.19
N TYR A 44 -12.74 12.54 -4.42
CA TYR A 44 -11.40 12.29 -3.90
C TYR A 44 -10.34 12.82 -4.86
N LEU A 45 -9.13 13.01 -4.32
CA LEU A 45 -8.01 13.59 -5.05
C LEU A 45 -6.83 12.62 -5.04
N SER A 46 -6.14 12.56 -6.17
CA SER A 46 -5.15 11.51 -6.41
C SER A 46 -3.78 11.88 -5.85
N ALA A 47 -2.95 10.85 -5.70
CA ALA A 47 -1.55 10.97 -5.33
C ALA A 47 -0.87 9.65 -5.65
N LEU A 48 -0.60 9.42 -6.93
CA LEU A 48 -0.13 8.13 -7.41
C LEU A 48 1.38 8.04 -7.36
N ARG A 49 1.89 6.89 -6.94
CA ARG A 49 3.33 6.66 -6.91
C ARG A 49 3.85 6.50 -8.33
N THR A 50 4.73 7.40 -8.75
CA THR A 50 5.23 7.43 -10.12
C THR A 50 6.68 6.98 -10.24
N GLY A 51 7.57 7.47 -9.37
CA GLY A 51 8.97 7.12 -9.41
C GLY A 51 9.48 6.65 -8.07
N TRP A 52 10.75 6.26 -8.07
CA TRP A 52 11.42 5.70 -6.89
C TRP A 52 12.64 6.56 -6.56
N TYR A 53 12.49 7.46 -5.59
CA TYR A 53 13.60 8.27 -5.10
C TYR A 53 14.56 7.35 -4.33
N THR A 54 15.64 6.95 -5.00
CA THR A 54 16.62 6.08 -4.36
C THR A 54 17.61 6.91 -3.55
N SER A 55 18.04 6.35 -2.42
CA SER A 55 18.96 7.03 -1.51
C SER A 55 19.66 5.99 -0.66
N VAL A 56 20.87 6.31 -0.22
CA VAL A 56 21.70 5.41 0.57
C VAL A 56 22.06 6.08 1.88
N VAL A 57 21.98 5.32 2.97
CA VAL A 57 22.34 5.79 4.30
C VAL A 57 23.53 4.97 4.77
N THR A 58 24.51 5.65 5.38
CA THR A 58 25.76 5.04 5.80
C THR A 58 25.90 5.07 7.32
N ILE A 59 26.73 4.16 7.82
CA ILE A 59 27.06 4.08 9.24
C ILE A 59 28.55 3.85 9.34
N GLU A 60 29.28 4.82 9.90
CA GLU A 60 30.71 4.66 10.11
C GLU A 60 30.97 3.63 11.22
N LEU A 61 32.07 2.89 11.07
CA LEU A 61 32.42 1.82 12.00
C LEU A 61 33.87 1.93 12.42
N SER A 62 34.16 1.34 13.58
CA SER A 62 35.51 1.30 14.15
C SER A 62 35.83 -0.17 14.45
N LYS A 63 36.17 -0.92 13.40
CA LYS A 63 36.41 -2.35 13.54
C LYS A 63 37.66 -2.59 14.36
N ILE A 64 37.50 -3.16 15.55
CA ILE A 64 38.60 -3.54 16.43
C ILE A 64 38.48 -5.03 16.73
N GLN A 65 39.62 -5.71 16.82
CA GLN A 65 39.65 -7.13 17.08
C GLN A 65 39.58 -7.40 18.58
N LYS A 66 39.56 -8.68 18.96
CA LYS A 66 39.38 -9.08 20.36
C LYS A 66 40.69 -8.91 21.13
N ASN A 67 41.09 -7.65 21.29
CA ASN A 67 42.23 -7.26 22.11
C ASN A 67 41.79 -6.77 23.48
N VAL A 68 40.83 -7.48 24.09
CA VAL A 68 40.22 -7.04 25.34
C VAL A 68 41.18 -7.25 26.49
N CYS A 69 41.36 -6.23 27.31
CA CYS A 69 42.10 -6.37 28.57
C CYS A 69 41.14 -6.90 29.63
N LYS A 70 41.39 -8.13 30.10
CA LYS A 70 40.46 -8.83 30.96
C LYS A 70 40.47 -8.31 32.39
N SER A 71 40.39 -6.99 32.57
CA SER A 71 40.27 -6.39 33.90
C SER A 71 38.81 -6.49 34.32
N THR A 72 38.43 -7.70 34.74
CA THR A 72 37.04 -8.02 35.05
C THR A 72 36.50 -7.14 36.18
N ASP A 73 36.19 -5.89 35.86
CA ASP A 73 35.57 -4.96 36.78
C ASP A 73 34.12 -4.75 36.40
N SER A 74 33.32 -4.28 37.36
CA SER A 74 31.90 -4.09 37.12
C SER A 74 31.64 -3.05 36.03
N LYS A 75 32.57 -2.11 35.83
CA LYS A 75 32.46 -1.12 34.77
C LYS A 75 33.16 -1.53 33.48
N VAL A 76 33.77 -2.71 33.45
CA VAL A 76 34.44 -3.21 32.26
C VAL A 76 33.62 -4.31 31.59
N LYS A 77 33.06 -5.24 32.36
CA LYS A 77 32.28 -6.32 31.79
C LYS A 77 30.96 -5.83 31.20
N LEU A 78 30.40 -4.74 31.74
CA LEU A 78 29.18 -4.19 31.17
C LEU A 78 29.41 -3.64 29.76
N ILE A 79 30.60 -3.10 29.50
CA ILE A 79 30.92 -2.69 28.15
C ILE A 79 31.28 -3.89 27.28
N LYS A 80 31.77 -4.96 27.88
CA LYS A 80 31.99 -6.20 27.13
C LYS A 80 30.68 -6.76 26.60
N GLN A 81 29.64 -6.78 27.44
CA GLN A 81 28.34 -7.26 27.00
C GLN A 81 27.75 -6.33 25.95
N GLU A 82 27.76 -5.03 26.21
CA GLU A 82 27.16 -4.07 25.29
C GLU A 82 27.95 -3.93 23.99
N LEU A 83 29.17 -4.46 23.91
CA LEU A 83 29.92 -4.46 22.67
C LEU A 83 29.95 -5.82 21.99
N GLU A 84 29.68 -6.91 22.71
CA GLU A 84 29.47 -8.19 22.05
C GLU A 84 28.20 -8.16 21.20
N ARG A 85 27.18 -7.42 21.66
CA ARG A 85 26.01 -7.18 20.83
C ARG A 85 26.37 -6.33 19.61
N TYR A 86 27.31 -5.40 19.77
CA TYR A 86 27.85 -4.67 18.62
C TYR A 86 28.56 -5.60 17.64
N ASN A 87 29.01 -6.76 18.10
CA ASN A 87 29.65 -7.73 17.22
C ASN A 87 28.65 -8.65 16.54
N ASN A 88 27.62 -9.10 17.26
CA ASN A 88 26.58 -9.93 16.66
C ASN A 88 25.76 -9.14 15.63
N ALA A 89 25.65 -7.83 15.80
CA ALA A 89 24.87 -6.99 14.90
C ALA A 89 25.71 -6.38 13.79
N VAL A 90 26.81 -7.03 13.39
CA VAL A 90 27.63 -6.56 12.30
C VAL A 90 27.97 -7.73 11.38
N ILE A 91 28.46 -8.83 11.98
CA ILE A 91 28.69 -10.04 11.19
C ILE A 91 27.39 -10.62 10.68
N GLU A 92 26.28 -10.33 11.36
CA GLU A 92 24.98 -10.83 10.91
C GLU A 92 24.54 -10.16 9.61
N LEU A 93 24.79 -8.86 9.49
CA LEU A 93 24.43 -8.15 8.27
C LEU A 93 25.27 -8.61 7.09
N GLN A 94 26.48 -9.11 7.34
CA GLN A 94 27.36 -9.55 6.27
C GLN A 94 26.91 -10.87 5.66
N SER A 95 26.32 -11.75 6.47
CA SER A 95 25.80 -13.00 5.94
C SER A 95 24.57 -12.78 5.05
N LEU A 96 23.86 -11.67 5.23
CA LEU A 96 22.72 -11.31 4.40
C LEU A 96 23.14 -10.68 3.08
N MET A 97 24.21 -11.18 2.46
CA MET A 97 24.71 -10.63 1.21
C MET A 97 24.07 -11.25 -0.02
N CYS A 98 23.48 -12.43 0.11
CA CYS A 98 22.84 -13.10 -1.02
C CYS A 98 21.48 -12.48 -1.36
N ASN A 99 21.14 -11.35 -0.76
CA ASN A 99 19.91 -10.64 -1.08
C ASN A 99 20.15 -9.12 -1.12
N GLU A 100 20.05 -8.53 -2.31
CA GLU A 100 19.75 -9.25 -3.54
C GLU A 100 20.69 -8.86 -4.68
N PRO A 101 21.83 -9.55 -4.81
CA PRO A 101 22.71 -9.28 -5.95
C PRO A 101 22.09 -9.64 -7.29
N ALA A 102 21.41 -10.80 -7.38
CA ALA A 102 20.83 -11.23 -8.65
C ALA A 102 19.64 -12.17 -8.46
N SER A 103 18.93 -12.10 -7.34
CA SER A 103 17.81 -13.01 -7.12
C SER A 103 16.49 -12.30 -7.35
N PHE A 104 15.44 -12.73 -6.65
CA PHE A 104 14.09 -12.18 -6.75
C PHE A 104 13.59 -12.24 -8.21
N SER A 105 13.28 -13.46 -8.63
CA SER A 105 12.83 -13.71 -9.99
C SER A 105 11.34 -13.43 -10.11
N GLY A 106 10.98 -12.43 -10.92
CA GLY A 106 9.59 -12.14 -11.17
C GLY A 106 9.02 -10.94 -10.43
N SER A 107 8.12 -11.21 -9.47
CA SER A 107 7.40 -10.16 -8.77
C SER A 107 8.35 -9.37 -7.86
N GLY A 108 7.80 -8.37 -7.19
CA GLY A 108 8.60 -7.51 -6.34
C GLY A 108 9.63 -6.70 -7.09
N SER A 109 9.29 -6.27 -8.31
CA SER A 109 10.21 -5.55 -9.16
C SER A 109 10.26 -4.05 -8.86
N ALA A 110 9.69 -3.61 -7.74
CA ALA A 110 9.74 -2.19 -7.39
C ALA A 110 11.07 -1.80 -6.78
N ILE A 111 11.74 -2.74 -6.09
CA ILE A 111 13.05 -2.46 -5.50
C ILE A 111 14.18 -2.47 -6.51
N ALA A 112 13.90 -2.83 -7.77
CA ALA A 112 14.95 -2.91 -8.78
C ALA A 112 15.58 -1.55 -9.06
N SER A 113 14.93 -0.46 -8.67
CA SER A 113 15.56 0.85 -8.77
C SER A 113 16.60 1.06 -7.66
N GLY A 114 16.43 0.38 -6.53
CA GLY A 114 17.39 0.43 -5.46
C GLY A 114 18.40 -0.71 -5.52
N VAL A 115 17.97 -1.86 -6.03
CA VAL A 115 18.90 -2.97 -6.26
C VAL A 115 19.98 -2.55 -7.25
N ALA A 116 19.64 -1.64 -8.17
CA ALA A 116 20.66 -1.06 -9.05
C ALA A 116 21.72 -0.32 -8.24
N VAL A 117 21.37 0.19 -7.07
CA VAL A 117 22.35 0.84 -6.21
C VAL A 117 23.08 -0.17 -5.32
N CYS A 118 22.39 -1.22 -4.87
CA CYS A 118 23.06 -2.28 -4.12
C CYS A 118 24.12 -2.98 -4.97
N LYS A 119 23.94 -3.01 -6.28
CA LYS A 119 24.93 -3.61 -7.17
C LYS A 119 26.12 -2.69 -7.38
N VAL A 120 25.93 -1.37 -7.24
CA VAL A 120 27.06 -0.44 -7.35
C VAL A 120 27.95 -0.55 -6.13
N LEU A 121 27.39 -0.85 -4.96
CA LEU A 121 28.17 -0.92 -3.74
C LEU A 121 29.04 -2.18 -3.67
N HIS A 122 28.84 -3.14 -4.57
CA HIS A 122 29.73 -4.29 -4.70
C HIS A 122 30.99 -3.97 -5.51
N LEU A 123 31.28 -2.69 -5.79
CA LEU A 123 32.41 -2.28 -6.61
C LEU A 123 33.44 -1.56 -5.75
N GLU A 124 34.71 -1.91 -5.94
CA GLU A 124 35.78 -1.24 -5.24
C GLU A 124 35.89 0.21 -5.72
N GLY A 125 36.36 1.08 -4.83
CA GLY A 125 36.49 2.51 -5.12
C GLY A 125 35.20 3.30 -4.97
N GLU A 126 34.07 2.69 -5.31
CA GLU A 126 32.79 3.35 -5.10
C GLU A 126 32.46 3.46 -3.63
N VAL A 127 32.85 2.47 -2.83
CA VAL A 127 32.66 2.55 -1.40
C VAL A 127 33.51 3.67 -0.80
N ASN A 128 34.76 3.78 -1.23
CA ASN A 128 35.64 4.80 -0.70
C ASN A 128 35.20 6.20 -1.12
N LYS A 129 34.77 6.35 -2.38
CA LYS A 129 34.37 7.65 -2.89
C LYS A 129 33.17 8.22 -2.13
N ILE A 130 32.43 7.37 -1.42
CA ILE A 130 31.28 7.82 -0.64
C ILE A 130 31.69 8.30 0.75
N LYS A 131 32.62 7.58 1.39
CA LYS A 131 33.06 7.97 2.73
C LYS A 131 33.67 9.36 2.77
N ASN A 132 33.97 9.94 1.61
CA ASN A 132 34.58 11.26 1.52
C ASN A 132 33.71 12.34 2.14
N ALA A 133 32.66 12.75 1.42
CA ALA A 133 31.80 13.86 1.81
C ALA A 133 30.91 13.55 3.02
N LEU A 134 31.21 12.50 3.79
CA LEU A 134 30.41 12.17 4.96
C LEU A 134 31.09 12.50 6.29
N LEU A 135 32.42 12.54 6.31
CA LEU A 135 33.17 12.88 7.52
C LEU A 135 33.30 14.38 7.74
N SER A 136 32.53 15.20 7.01
CA SER A 136 32.58 16.65 7.17
C SER A 136 31.23 17.34 7.15
N THR A 137 30.15 16.70 6.68
CA THR A 137 28.87 17.40 6.62
C THR A 137 27.67 16.46 6.77
N ASN A 138 27.87 15.17 7.06
CA ASN A 138 26.80 14.21 7.33
C ASN A 138 25.93 13.90 6.12
N LYS A 139 26.04 14.69 5.06
CA LYS A 139 25.14 14.56 3.92
C LYS A 139 25.68 15.29 2.71
N ALA A 140 25.71 14.62 1.56
CA ALA A 140 26.12 15.21 0.29
C ALA A 140 25.78 14.24 -0.83
N VAL A 141 25.69 14.77 -2.05
CA VAL A 141 25.39 13.98 -3.24
C VAL A 141 26.71 13.45 -3.81
N VAL A 142 26.71 12.18 -4.20
CA VAL A 142 27.92 11.50 -4.65
C VAL A 142 27.75 11.06 -6.10
N SER A 143 28.79 11.30 -6.90
CA SER A 143 28.87 10.77 -8.26
C SER A 143 29.50 9.38 -8.21
N LEU A 144 28.86 8.41 -8.85
CA LEU A 144 29.24 7.01 -8.75
C LEU A 144 29.82 6.51 -10.07
N SER A 145 30.03 5.20 -10.15
CA SER A 145 30.50 4.59 -11.39
C SER A 145 29.39 4.53 -12.42
N ASN A 146 28.21 4.07 -12.01
CA ASN A 146 27.03 4.20 -12.88
C ASN A 146 26.63 5.66 -13.02
N GLY A 147 26.94 6.49 -12.03
CA GLY A 147 26.75 7.92 -12.11
C GLY A 147 25.42 8.44 -11.63
N VAL A 148 24.57 7.57 -11.06
CA VAL A 148 23.27 8.02 -10.58
C VAL A 148 23.44 9.01 -9.43
N SER A 149 22.84 10.19 -9.57
CA SER A 149 22.90 11.21 -8.54
C SER A 149 22.14 10.73 -7.30
N VAL A 150 22.80 9.98 -6.43
CA VAL A 150 22.20 9.45 -5.22
C VAL A 150 22.66 10.28 -4.03
N LEU A 151 21.73 10.57 -3.12
CA LEU A 151 22.08 11.27 -1.89
C LEU A 151 22.62 10.28 -0.87
N THR A 152 23.34 10.81 0.12
CA THR A 152 23.98 10.00 1.14
C THR A 152 23.73 10.59 2.51
N PHE A 153 23.60 9.71 3.51
CA PHE A 153 23.36 10.12 4.88
C PHE A 153 24.25 9.31 5.81
N LYS A 154 24.41 9.82 7.03
CA LYS A 154 25.12 9.13 8.10
C LYS A 154 24.32 9.40 9.38
N VAL A 155 23.40 8.50 9.69
CA VAL A 155 22.45 8.77 10.76
C VAL A 155 23.05 8.45 12.14
N LEU A 156 23.96 7.48 12.22
CA LEU A 156 24.57 7.12 13.49
C LEU A 156 26.06 6.91 13.27
N ASP A 157 26.87 7.62 14.05
CA ASP A 157 28.33 7.55 13.95
C ASP A 157 28.87 6.96 15.24
N LEU A 158 29.41 5.75 15.15
CA LEU A 158 30.07 5.10 16.29
C LEU A 158 31.57 4.93 16.08
N LYS A 159 32.07 5.13 14.85
CA LYS A 159 33.51 5.22 14.65
C LYS A 159 34.08 6.41 15.40
N ASN A 160 33.33 7.52 15.42
CA ASN A 160 33.74 8.72 16.15
C ASN A 160 33.34 8.67 17.63
N TYR A 161 32.59 7.65 18.05
CA TYR A 161 32.26 7.46 19.45
C TYR A 161 33.04 6.34 20.11
N ILE A 162 33.66 5.46 19.34
CA ILE A 162 34.49 4.38 19.87
C ILE A 162 35.98 4.70 19.75
N ASP A 163 36.43 5.07 18.55
CA ASP A 163 37.84 5.37 18.34
C ASP A 163 38.29 6.67 19.01
N LYS A 164 37.36 7.49 19.50
CA LYS A 164 37.71 8.74 20.18
C LYS A 164 37.33 8.76 21.65
N GLU A 165 36.25 8.09 22.04
CA GLU A 165 35.81 8.06 23.43
C GLU A 165 36.04 6.71 24.10
N LEU A 166 35.80 5.61 23.38
CA LEU A 166 35.85 4.28 23.96
C LEU A 166 37.22 3.62 23.83
N LEU A 167 37.86 3.76 22.66
CA LEU A 167 39.14 3.07 22.43
C LEU A 167 40.28 3.69 23.21
N PRO A 168 40.52 5.01 23.19
CA PRO A 168 41.75 5.53 23.83
C PRO A 168 41.77 5.35 25.34
N LYS A 169 40.62 5.50 26.01
CA LYS A 169 40.60 5.34 27.46
C LYS A 169 40.79 3.89 27.89
N LEU A 170 40.58 2.93 26.99
CA LEU A 170 40.59 1.51 27.35
C LEU A 170 41.74 0.72 26.76
N ASN A 171 42.20 1.07 25.55
CA ASN A 171 43.17 0.22 24.87
C ASN A 171 44.60 0.45 25.37
N ASN A 172 45.03 1.72 25.41
CA ASN A 172 46.40 2.05 25.76
C ASN A 172 46.56 2.74 27.11
N HIS A 173 45.47 3.22 27.72
CA HIS A 173 45.54 3.86 29.03
C HIS A 173 45.44 2.85 30.18
N ASP A 174 45.94 1.63 29.98
CA ASP A 174 46.01 0.61 31.03
C ASP A 174 44.62 0.20 31.52
N CYS A 175 43.70 -0.01 30.58
CA CYS A 175 42.36 -0.52 30.86
C CYS A 175 41.63 0.36 31.88
N ARG A 176 41.39 1.60 31.47
CA ARG A 176 40.80 2.63 32.33
C ARG A 176 39.38 2.93 31.83
N ILE A 177 38.39 2.42 32.55
CA ILE A 177 37.00 2.77 32.26
C ILE A 177 36.66 4.08 32.94
N SER A 178 36.13 5.03 32.18
CA SER A 178 35.82 6.37 32.68
C SER A 178 34.84 6.30 33.86
N ASN A 179 33.57 5.98 33.58
CA ASN A 179 32.56 5.92 34.62
C ASN A 179 31.41 4.99 34.24
N ILE A 180 30.21 5.27 34.75
CA ILE A 180 29.03 4.47 34.42
C ILE A 180 28.10 5.18 33.44
N GLU A 181 28.26 6.50 33.25
CA GLU A 181 27.45 7.21 32.27
C GLU A 181 27.86 6.90 30.84
N THR A 182 29.06 6.36 30.63
CA THR A 182 29.47 5.87 29.32
C THR A 182 29.01 4.44 29.07
N VAL A 183 28.37 3.80 30.05
CA VAL A 183 27.75 2.50 29.83
C VAL A 183 26.28 2.65 29.45
N ILE A 184 25.58 3.62 30.07
CA ILE A 184 24.20 3.88 29.69
C ILE A 184 24.15 4.58 28.33
N GLU A 185 25.06 5.52 28.09
CA GLU A 185 25.06 6.23 26.82
C GLU A 185 25.49 5.31 25.69
N PHE A 186 26.45 4.42 25.94
CA PHE A 186 26.80 3.42 24.93
C PHE A 186 25.67 2.44 24.69
N GLN A 187 24.85 2.18 25.72
CA GLN A 187 23.66 1.37 25.51
C GLN A 187 22.68 2.04 24.58
N GLN A 188 22.48 3.35 24.75
CA GLN A 188 21.53 4.08 23.92
C GLN A 188 22.12 4.46 22.57
N LYS A 189 23.44 4.58 22.47
CA LYS A 189 24.06 4.85 21.18
C LYS A 189 24.19 3.59 20.32
N ASN A 190 24.14 2.41 20.93
CA ASN A 190 24.20 1.16 20.20
C ASN A 190 22.85 0.47 20.09
N ASN A 191 21.83 0.94 20.83
CA ASN A 191 20.52 0.31 20.76
C ASN A 191 19.91 0.43 19.38
N ARG A 192 20.25 1.50 18.65
CA ARG A 192 19.70 1.68 17.31
C ARG A 192 20.24 0.63 16.34
N LEU A 193 21.51 0.26 16.49
CA LEU A 193 22.08 -0.76 15.61
C LEU A 193 21.51 -2.15 15.92
N LEU A 194 21.20 -2.43 17.18
CA LEU A 194 20.67 -3.75 17.53
C LEU A 194 19.34 -4.01 16.86
N GLU A 195 18.38 -3.10 17.04
CA GLU A 195 17.04 -3.29 16.48
C GLU A 195 16.98 -3.12 14.97
N ILE A 196 18.09 -2.96 14.27
CA ILE A 196 18.10 -2.95 12.81
C ILE A 196 18.53 -4.30 12.25
N ALA A 197 19.66 -4.83 12.72
CA ALA A 197 20.02 -6.21 12.39
C ALA A 197 18.97 -7.18 12.92
N ARG A 198 18.34 -6.83 14.04
CA ARG A 198 17.23 -7.62 14.57
C ARG A 198 16.02 -7.58 13.65
N GLU A 199 15.93 -6.58 12.79
CA GLU A 199 14.84 -6.43 11.83
C GLU A 199 15.22 -6.90 10.43
N PHE A 200 16.46 -6.67 10.00
CA PHE A 200 16.88 -7.11 8.67
C PHE A 200 16.98 -8.63 8.60
N SER A 201 17.40 -9.27 9.70
CA SER A 201 17.60 -10.71 9.66
C SER A 201 16.29 -11.47 9.53
N VAL A 202 15.19 -10.91 10.05
CA VAL A 202 13.89 -11.54 9.91
C VAL A 202 13.14 -11.09 8.66
N ASN A 203 13.75 -10.20 7.86
CA ASN A 203 13.13 -9.71 6.63
C ASN A 203 13.97 -9.97 5.40
N ALA A 204 14.98 -10.83 5.48
CA ALA A 204 15.82 -11.23 4.35
C ALA A 204 16.48 -10.06 3.66
N GLY A 205 16.66 -8.93 4.34
CA GLY A 205 17.37 -7.80 3.79
C GLY A 205 16.53 -6.68 3.23
N ILE A 206 15.21 -6.83 3.22
CA ILE A 206 14.30 -5.81 2.69
C ILE A 206 13.14 -5.67 3.65
N THR A 207 12.92 -4.46 4.17
CA THR A 207 11.85 -4.19 5.11
C THR A 207 10.86 -3.21 4.52
N THR A 208 9.61 -3.35 4.94
CA THR A 208 8.53 -2.44 4.59
C THR A 208 7.37 -2.62 5.58
N PRO A 209 6.77 -1.52 6.03
CA PRO A 209 7.11 -0.11 5.74
C PRO A 209 8.44 0.33 6.35
N LEU A 210 8.90 1.52 5.98
CA LEU A 210 10.16 2.05 6.48
C LEU A 210 10.00 2.40 7.95
N SER A 211 10.47 1.52 8.83
CA SER A 211 10.32 1.73 10.26
C SER A 211 11.16 2.91 10.74
N THR A 212 10.75 3.47 11.88
CA THR A 212 11.49 4.59 12.45
C THR A 212 12.90 4.21 12.86
N TYR A 213 13.16 2.93 13.14
CA TYR A 213 14.51 2.48 13.38
C TYR A 213 15.39 2.73 12.16
N MET A 214 14.89 2.40 10.97
CA MET A 214 15.66 2.64 9.76
C MET A 214 15.71 4.12 9.39
N LEU A 215 14.77 4.91 9.89
CA LEU A 215 14.73 6.35 9.62
C LEU A 215 13.71 7.03 10.51
N THR A 216 14.17 7.82 11.48
CA THR A 216 13.24 8.49 12.39
C THR A 216 12.50 9.61 11.67
N ASN A 217 11.50 10.17 12.36
CA ASN A 217 10.66 11.20 11.75
C ASN A 217 11.46 12.47 11.47
N SER A 218 12.38 12.83 12.37
CA SER A 218 13.16 14.04 12.18
C SER A 218 14.08 13.94 10.96
N GLU A 219 14.53 12.72 10.64
CA GLU A 219 15.45 12.55 9.51
C GLU A 219 14.71 12.43 8.18
N LEU A 220 13.52 11.83 8.18
CA LEU A 220 12.77 11.67 6.94
C LEU A 220 12.31 13.01 6.40
N LEU A 221 11.75 13.86 7.26
CA LEU A 221 11.32 15.19 6.83
C LEU A 221 12.47 16.02 6.29
N SER A 222 13.71 15.65 6.61
CA SER A 222 14.87 16.34 6.05
C SER A 222 15.14 15.90 4.61
N LEU A 223 14.91 14.63 4.30
CA LEU A 223 15.20 14.12 2.96
C LEU A 223 14.13 14.52 1.95
N ILE A 224 12.89 14.72 2.40
CA ILE A 224 11.81 15.06 1.47
C ILE A 224 11.99 16.47 0.92
N ASN A 225 12.42 17.40 1.77
CA ASN A 225 12.67 18.77 1.32
C ASN A 225 13.74 18.87 0.24
N ASP A 226 14.52 17.80 0.04
CA ASP A 226 15.64 17.82 -0.90
C ASP A 226 15.42 16.83 -2.04
N MET A 227 14.17 16.66 -2.45
CA MET A 227 13.91 15.74 -3.55
C MET A 227 13.68 16.50 -4.85
N PRO A 228 14.11 15.93 -5.99
CA PRO A 228 13.85 16.59 -7.28
C PRO A 228 12.38 16.67 -7.62
N ILE A 229 11.61 17.41 -6.82
CA ILE A 229 10.17 17.56 -6.97
C ILE A 229 9.79 19.00 -6.68
N THR A 230 8.57 19.36 -7.04
CA THR A 230 8.07 20.70 -6.77
C THR A 230 7.83 20.89 -5.28
N ASN A 231 7.62 22.16 -4.89
CA ASN A 231 7.27 22.49 -3.51
C ASN A 231 5.91 21.93 -3.11
N ASP A 232 5.10 21.51 -4.08
CA ASP A 232 3.78 20.95 -3.78
C ASP A 232 3.91 19.57 -3.15
N GLN A 233 4.58 18.65 -3.85
CA GLN A 233 4.69 17.28 -3.36
C GLN A 233 5.44 17.21 -2.03
N LYS A 234 6.28 18.20 -1.75
CA LYS A 234 7.00 18.22 -0.48
C LYS A 234 6.05 18.49 0.69
N LYS A 235 5.11 19.43 0.53
CA LYS A 235 4.11 19.66 1.57
C LYS A 235 3.25 18.43 1.78
N LEU A 236 2.94 17.72 0.69
CA LEU A 236 2.13 16.51 0.80
C LEU A 236 2.81 15.45 1.66
N MET A 237 4.05 15.09 1.31
CA MET A 237 4.77 14.09 2.07
C MET A 237 5.22 14.58 3.44
N SER A 238 5.03 15.87 3.74
CA SER A 238 5.43 16.43 5.04
C SER A 238 4.32 16.34 6.07
N SER A 239 3.07 16.63 5.67
CA SER A 239 1.93 16.47 6.56
C SER A 239 1.34 15.07 6.49
N ASN A 240 1.73 14.28 5.51
CA ASN A 240 1.31 12.88 5.38
C ASN A 240 2.56 12.01 5.40
N VAL A 241 3.24 11.99 6.55
CA VAL A 241 4.50 11.26 6.67
C VAL A 241 4.26 9.75 6.66
N GLN A 242 3.37 9.29 7.55
CA GLN A 242 3.19 7.85 7.74
C GLN A 242 2.77 7.14 6.47
N ILE A 243 2.07 7.83 5.57
CA ILE A 243 1.67 7.22 4.30
C ILE A 243 2.89 7.02 3.41
N VAL A 244 3.85 7.94 3.46
CA VAL A 244 5.09 7.76 2.70
C VAL A 244 5.84 6.54 3.20
N ARG A 245 5.78 6.28 4.51
CA ARG A 245 6.40 5.08 5.06
C ARG A 245 5.78 3.82 4.48
N GLN A 246 4.44 3.79 4.38
CA GLN A 246 3.75 2.59 3.91
C GLN A 246 4.23 2.17 2.54
N GLN A 247 4.58 3.12 1.68
CA GLN A 247 5.01 2.80 0.33
C GLN A 247 6.49 3.11 0.13
N SER A 248 7.31 2.65 1.07
CA SER A 248 8.76 2.83 0.99
C SER A 248 9.43 1.53 1.40
N TYR A 249 10.67 1.37 0.97
CA TYR A 249 11.41 0.13 1.18
C TYR A 249 12.75 0.44 1.84
N SER A 250 13.50 -0.62 2.15
CA SER A 250 14.81 -0.48 2.78
C SER A 250 15.58 -1.76 2.48
N ILE A 251 16.50 -1.68 1.53
CA ILE A 251 17.25 -2.83 1.05
C ILE A 251 18.63 -2.85 1.70
N MET A 252 19.19 -4.05 1.84
CA MET A 252 20.50 -4.25 2.43
C MET A 252 21.49 -4.66 1.32
N CYS A 253 22.59 -3.93 1.22
CA CYS A 253 23.56 -4.15 0.15
C CYS A 253 24.78 -4.93 0.63
N VAL A 254 25.80 -4.21 1.12
CA VAL A 254 27.05 -4.81 1.56
C VAL A 254 27.52 -4.14 2.84
N VAL A 255 28.44 -4.82 3.53
CA VAL A 255 29.12 -4.28 4.71
C VAL A 255 30.61 -4.49 4.47
N LYS A 256 31.35 -3.41 4.25
CA LYS A 256 32.77 -3.51 4.02
C LYS A 256 33.46 -2.19 4.35
N GLU A 257 34.75 -2.29 4.68
CA GLU A 257 35.60 -1.13 4.91
C GLU A 257 35.02 -0.20 5.99
N GLU A 258 34.61 -0.82 7.10
CA GLU A 258 34.11 -0.10 8.28
C GLU A 258 32.91 0.78 7.95
N VAL A 259 32.06 0.35 7.01
CA VAL A 259 30.89 1.11 6.60
C VAL A 259 29.72 0.15 6.41
N ILE A 260 28.56 0.50 6.96
CA ILE A 260 27.33 -0.24 6.73
C ILE A 260 26.55 0.47 5.62
N ALA A 261 26.29 -0.25 4.53
CA ALA A 261 25.67 0.30 3.34
C ALA A 261 24.32 -0.34 3.10
N TYR A 262 23.29 0.49 2.94
CA TYR A 262 21.95 0.00 2.66
C TYR A 262 21.16 1.12 1.99
N VAL A 263 20.22 0.73 1.13
CA VAL A 263 19.47 1.65 0.29
C VAL A 263 18.01 1.70 0.74
N VAL A 264 17.42 2.88 0.67
CA VAL A 264 16.02 3.11 1.01
C VAL A 264 15.35 3.83 -0.15
N GLN A 265 14.22 3.28 -0.61
CA GLN A 265 13.48 3.84 -1.74
C GLN A 265 12.31 4.67 -1.22
N LEU A 266 12.17 5.88 -1.77
CA LEU A 266 11.05 6.74 -1.45
C LEU A 266 10.14 6.91 -2.66
N PRO A 267 8.83 7.01 -2.46
CA PRO A 267 7.91 7.14 -3.59
C PRO A 267 7.93 8.56 -4.16
N ILE A 268 7.99 8.64 -5.48
CA ILE A 268 7.92 9.90 -6.19
C ILE A 268 6.52 10.04 -6.77
N TYR A 269 5.71 10.90 -6.18
CA TYR A 269 4.33 11.08 -6.61
C TYR A 269 4.31 12.06 -7.77
N GLY A 270 3.96 11.56 -8.97
CA GLY A 270 3.93 12.39 -10.15
C GLY A 270 2.52 12.68 -10.65
N VAL A 271 1.61 11.73 -10.47
CA VAL A 271 0.21 11.92 -10.82
C VAL A 271 -0.50 12.41 -9.55
N ILE A 272 -0.71 13.71 -9.47
CA ILE A 272 -1.25 14.35 -8.28
C ILE A 272 -2.42 15.25 -8.67
N ASP A 273 -3.41 15.34 -7.76
CA ASP A 273 -4.52 16.28 -7.80
C ASP A 273 -5.53 16.02 -8.91
N THR A 274 -5.49 14.86 -9.55
CA THR A 274 -6.59 14.49 -10.42
C THR A 274 -7.71 13.88 -9.60
N PRO A 275 -8.94 13.92 -10.11
CA PRO A 275 -10.07 13.36 -9.33
C PRO A 275 -10.01 11.85 -9.29
N CYS A 276 -10.54 11.29 -8.20
CA CYS A 276 -10.64 9.85 -8.01
C CYS A 276 -12.06 9.51 -7.57
N TRP A 277 -12.39 8.23 -7.69
CA TRP A 277 -13.70 7.73 -7.28
C TRP A 277 -13.60 6.22 -7.10
N LYS A 278 -14.29 5.72 -6.08
CA LYS A 278 -14.29 4.29 -5.76
C LYS A 278 -15.64 3.69 -6.09
N LEU A 279 -15.63 2.57 -6.81
CA LEU A 279 -16.83 1.89 -7.25
C LEU A 279 -17.20 0.79 -6.26
N HIS A 280 -18.48 0.72 -5.90
CA HIS A 280 -19.00 -0.32 -5.03
C HIS A 280 -20.09 -1.08 -5.76
N THR A 281 -20.06 -2.41 -5.64
CA THR A 281 -21.00 -3.27 -6.32
C THR A 281 -21.57 -4.30 -5.34
N SER A 282 -22.76 -4.78 -5.65
CA SER A 282 -23.47 -5.79 -4.86
C SER A 282 -24.35 -6.59 -5.80
N PRO A 283 -24.61 -7.86 -5.50
CA PRO A 283 -25.39 -8.70 -6.43
C PRO A 283 -26.79 -8.14 -6.65
N LEU A 284 -27.27 -8.25 -7.89
CA LEU A 284 -28.59 -7.78 -8.30
C LEU A 284 -29.35 -8.97 -8.87
N CYS A 285 -30.37 -9.42 -8.17
CA CYS A 285 -31.12 -10.61 -8.53
C CYS A 285 -32.60 -10.27 -8.72
N THR A 286 -33.35 -11.29 -9.15
CA THR A 286 -34.79 -11.20 -9.32
C THR A 286 -35.49 -11.86 -8.14
N THR A 287 -36.73 -11.45 -7.92
CA THR A 287 -37.60 -12.01 -6.88
C THR A 287 -38.99 -12.31 -7.44
N ASP A 288 -39.01 -12.94 -8.62
CA ASP A 288 -40.26 -13.30 -9.29
C ASP A 288 -40.24 -14.74 -9.77
N ASN A 289 -39.51 -15.61 -9.07
CA ASN A 289 -39.36 -17.00 -9.47
C ASN A 289 -39.40 -17.87 -8.22
N LYS A 290 -39.07 -19.15 -8.40
CA LYS A 290 -39.23 -20.17 -7.36
C LYS A 290 -37.86 -20.67 -6.95
N GLU A 291 -37.50 -20.43 -5.68
CA GLU A 291 -36.22 -20.84 -5.10
C GLU A 291 -35.07 -20.34 -5.96
N GLY A 292 -34.33 -21.26 -6.58
CA GLY A 292 -33.19 -20.94 -7.40
C GLY A 292 -33.49 -20.61 -8.84
N SER A 293 -34.75 -20.38 -9.19
CA SER A 293 -35.11 -20.02 -10.55
C SER A 293 -34.89 -18.54 -10.85
N ASN A 294 -34.31 -17.80 -9.91
CA ASN A 294 -33.96 -16.40 -10.11
C ASN A 294 -32.58 -16.28 -10.74
N ILE A 295 -32.34 -15.13 -11.37
CA ILE A 295 -31.08 -14.86 -12.06
C ILE A 295 -30.43 -13.63 -11.43
N CYS A 296 -29.10 -13.64 -11.42
CA CYS A 296 -28.32 -12.57 -10.80
C CYS A 296 -27.22 -12.09 -11.73
N LEU A 297 -26.75 -10.89 -11.46
CA LEU A 297 -25.61 -10.32 -12.17
C LEU A 297 -24.98 -9.26 -11.28
N THR A 298 -23.69 -9.03 -11.47
CA THR A 298 -22.97 -8.04 -10.69
C THR A 298 -21.85 -7.43 -11.54
N ARG A 299 -21.60 -6.14 -11.34
CA ARG A 299 -20.50 -5.49 -12.03
C ARG A 299 -19.16 -5.94 -11.44
N THR A 300 -18.24 -6.37 -12.30
CA THR A 300 -17.00 -6.98 -11.82
C THR A 300 -16.02 -5.94 -11.29
N ASP A 301 -15.48 -5.11 -12.19
CA ASP A 301 -14.35 -4.25 -11.86
C ASP A 301 -14.68 -3.25 -10.76
N ARG A 302 -14.55 -3.68 -9.51
CA ARG A 302 -14.76 -2.83 -8.35
C ARG A 302 -13.42 -2.29 -7.85
N GLY A 303 -13.45 -1.12 -7.24
CA GLY A 303 -12.24 -0.55 -6.68
C GLY A 303 -12.03 0.93 -6.96
N TRP A 304 -10.76 1.35 -6.94
CA TRP A 304 -10.40 2.76 -7.11
C TRP A 304 -10.09 3.06 -8.57
N TYR A 305 -10.63 4.17 -9.05
CA TYR A 305 -10.33 4.70 -10.37
C TYR A 305 -9.82 6.12 -10.23
N CYS A 306 -8.77 6.46 -10.98
CA CYS A 306 -8.24 7.82 -10.98
C CYS A 306 -7.82 8.18 -12.40
N ASP A 307 -7.69 9.49 -12.63
CA ASP A 307 -7.30 10.03 -13.93
C ASP A 307 -5.79 10.15 -14.00
N ASN A 308 -5.20 9.59 -15.06
CA ASN A 308 -3.75 9.53 -15.22
C ASN A 308 -3.45 9.87 -16.68
N ALA A 309 -3.40 11.18 -16.97
CA ALA A 309 -3.14 11.67 -18.33
C ALA A 309 -4.14 11.11 -19.33
N GLY A 310 -5.34 11.69 -19.37
CA GLY A 310 -6.36 11.24 -20.29
C GLY A 310 -6.97 9.90 -19.90
N SER A 311 -6.16 8.84 -19.96
CA SER A 311 -6.65 7.52 -19.61
C SER A 311 -6.99 7.43 -18.11
N VAL A 312 -7.58 6.31 -17.73
CA VAL A 312 -8.05 6.09 -16.37
C VAL A 312 -7.23 4.96 -15.77
N SER A 313 -6.58 5.24 -14.64
CA SER A 313 -5.83 4.23 -13.92
C SER A 313 -6.76 3.55 -12.92
N PHE A 314 -6.89 2.23 -13.03
CA PHE A 314 -7.80 1.44 -12.22
C PHE A 314 -7.00 0.54 -11.29
N PHE A 315 -7.39 0.50 -10.03
CA PHE A 315 -6.68 -0.28 -9.00
C PHE A 315 -7.61 -1.38 -8.48
N PRO A 316 -7.49 -2.61 -8.99
CA PRO A 316 -8.44 -3.66 -8.60
C PRO A 316 -8.39 -3.98 -7.12
N GLN A 317 -7.26 -4.50 -6.63
CA GLN A 317 -7.08 -4.77 -5.21
C GLN A 317 -6.89 -3.44 -4.48
N ALA A 318 -7.93 -2.99 -3.77
CA ALA A 318 -7.85 -1.78 -2.96
C ALA A 318 -6.81 -1.87 -1.85
N GLU A 319 -6.16 -3.03 -1.71
CA GLU A 319 -5.11 -3.16 -0.70
C GLU A 319 -3.86 -2.38 -1.05
N THR A 320 -3.70 -1.99 -2.31
CA THR A 320 -2.57 -1.18 -2.74
C THR A 320 -2.83 0.31 -2.64
N CYS A 321 -4.06 0.72 -2.34
CA CYS A 321 -4.40 2.13 -2.19
C CYS A 321 -4.64 2.45 -0.72
N LYS A 322 -4.15 3.62 -0.30
CA LYS A 322 -4.30 4.10 1.06
C LYS A 322 -5.02 5.44 1.02
N VAL A 323 -6.04 5.59 1.87
CA VAL A 323 -6.86 6.79 1.93
C VAL A 323 -6.47 7.59 3.16
N CYS A 324 -6.25 8.90 2.96
CA CYS A 324 -5.94 9.81 4.06
C CYS A 324 -6.78 11.07 3.85
N SER A 325 -7.91 11.15 4.55
CA SER A 325 -8.87 12.24 4.40
C SER A 325 -9.32 12.36 2.95
N ASN A 326 -8.95 13.45 2.30
CA ASN A 326 -9.33 13.69 0.91
C ASN A 326 -8.34 13.09 -0.08
N ARG A 327 -7.18 12.61 0.39
CA ARG A 327 -6.13 12.12 -0.46
C ARG A 327 -6.18 10.61 -0.62
N VAL A 328 -5.79 10.12 -1.80
CA VAL A 328 -5.76 8.71 -2.12
C VAL A 328 -4.40 8.39 -2.70
N PHE A 329 -3.63 7.56 -1.99
CA PHE A 329 -2.27 7.20 -2.38
C PHE A 329 -2.27 5.77 -2.89
N CYS A 330 -1.80 5.57 -4.13
CA CYS A 330 -1.76 4.25 -4.72
C CYS A 330 -0.43 4.05 -5.43
N ASP A 331 -0.16 2.80 -5.79
CA ASP A 331 1.04 2.43 -6.55
C ASP A 331 0.60 1.99 -7.94
N THR A 332 1.03 2.73 -8.96
CA THR A 332 0.61 2.45 -10.33
C THR A 332 1.13 1.12 -10.87
N MET A 333 1.98 0.41 -10.11
CA MET A 333 2.45 -0.89 -10.56
C MET A 333 1.32 -1.93 -10.54
N ASN A 334 0.47 -1.88 -9.53
CA ASN A 334 -0.66 -2.79 -9.41
C ASN A 334 -1.94 -2.12 -9.91
N SER A 335 -1.88 -1.67 -11.17
CA SER A 335 -3.01 -0.95 -11.76
C SER A 335 -3.19 -1.36 -13.21
N LEU A 336 -4.45 -1.40 -13.63
CA LEU A 336 -4.81 -1.56 -15.02
C LEU A 336 -5.05 -0.20 -15.65
N THR A 337 -4.51 0.01 -16.84
CA THR A 337 -4.68 1.26 -17.56
C THR A 337 -5.88 1.12 -18.50
N LEU A 338 -6.84 2.03 -18.36
CA LEU A 338 -8.12 1.93 -19.04
C LEU A 338 -8.46 3.23 -19.75
N PRO A 339 -9.20 3.15 -20.87
CA PRO A 339 -9.54 4.36 -21.61
C PRO A 339 -10.57 5.21 -20.88
N THR A 340 -10.60 6.50 -21.27
CA THR A 340 -11.49 7.45 -20.61
C THR A 340 -12.96 7.08 -20.76
N ASP A 341 -13.32 6.38 -21.84
CA ASP A 341 -14.70 5.99 -22.11
C ASP A 341 -15.21 4.88 -21.18
N VAL A 342 -14.59 4.69 -20.01
CA VAL A 342 -15.01 3.63 -19.10
C VAL A 342 -16.00 4.12 -18.05
N ASN A 343 -16.08 5.43 -17.82
CA ASN A 343 -17.07 5.98 -16.89
C ASN A 343 -18.49 5.72 -17.35
N LEU A 344 -18.68 5.22 -18.57
CA LEU A 344 -20.03 5.00 -19.08
C LEU A 344 -20.76 3.89 -18.34
N CYS A 345 -20.01 2.93 -17.78
CA CYS A 345 -20.66 1.84 -17.06
C CYS A 345 -21.38 2.32 -15.81
N ASN A 346 -21.04 3.51 -15.30
CA ASN A 346 -21.71 4.02 -14.11
C ASN A 346 -23.13 4.46 -14.41
N THR A 347 -23.38 4.99 -15.61
CA THR A 347 -24.72 5.42 -15.98
C THR A 347 -25.31 4.49 -17.05
N ASP A 348 -24.97 4.75 -18.31
CA ASP A 348 -25.47 3.97 -19.45
C ASP A 348 -24.57 2.75 -19.61
N ILE A 349 -24.91 1.66 -18.92
CA ILE A 349 -24.12 0.44 -19.02
C ILE A 349 -24.27 -0.21 -20.40
N PHE A 350 -25.35 0.06 -21.12
CA PHE A 350 -25.56 -0.50 -22.45
C PHE A 350 -25.12 0.48 -23.53
N ASN A 351 -23.86 0.90 -23.45
CA ASN A 351 -23.26 1.78 -24.44
C ASN A 351 -22.46 0.95 -25.44
N THR A 352 -22.38 1.46 -26.67
CA THR A 352 -21.71 0.76 -27.75
C THR A 352 -20.21 1.03 -27.79
N LYS A 353 -19.72 2.04 -27.08
CA LYS A 353 -18.31 2.38 -27.15
C LYS A 353 -17.46 1.48 -26.27
N TYR A 354 -17.82 1.36 -24.99
CA TYR A 354 -17.10 0.49 -24.06
C TYR A 354 -17.99 -0.67 -23.64
N ASP A 355 -17.43 -1.87 -23.65
CA ASP A 355 -18.17 -3.08 -23.27
C ASP A 355 -17.94 -3.32 -21.77
N CYS A 356 -18.99 -3.12 -20.98
CA CYS A 356 -18.86 -3.22 -19.52
C CYS A 356 -18.84 -4.68 -19.09
N LYS A 357 -17.95 -4.98 -18.14
CA LYS A 357 -17.78 -6.34 -17.63
C LYS A 357 -18.73 -6.60 -16.48
N ILE A 358 -19.33 -7.79 -16.48
CA ILE A 358 -20.20 -8.25 -15.40
C ILE A 358 -20.02 -9.76 -15.24
N MET A 359 -20.55 -10.29 -14.14
CA MET A 359 -20.63 -11.73 -13.92
C MET A 359 -22.08 -12.10 -13.64
N THR A 360 -22.42 -13.35 -13.92
CA THR A 360 -23.77 -13.84 -13.73
C THR A 360 -23.75 -15.14 -12.95
N SER A 361 -24.85 -15.41 -12.26
CA SER A 361 -24.99 -16.63 -11.47
C SER A 361 -26.44 -16.73 -11.01
N LYS A 362 -26.86 -17.96 -10.72
CA LYS A 362 -28.14 -18.20 -10.08
C LYS A 362 -28.03 -18.25 -8.56
N THR A 363 -26.83 -18.06 -8.01
CA THR A 363 -26.64 -18.04 -6.57
C THR A 363 -27.32 -16.81 -5.97
N ASP A 364 -28.29 -17.04 -5.09
CA ASP A 364 -29.15 -15.99 -4.55
C ASP A 364 -28.88 -15.87 -3.06
N ILE A 365 -27.85 -15.10 -2.70
CA ILE A 365 -27.43 -14.93 -1.30
C ILE A 365 -27.50 -13.46 -0.95
N SER A 366 -28.09 -13.15 0.20
CA SER A 366 -28.16 -11.78 0.66
C SER A 366 -26.81 -11.31 1.18
N SER A 367 -26.54 -10.02 0.99
CA SER A 367 -25.26 -9.45 1.39
C SER A 367 -25.41 -7.93 1.47
N SER A 368 -24.44 -7.30 2.13
CA SER A 368 -24.38 -5.86 2.25
C SER A 368 -22.98 -5.38 1.93
N VAL A 369 -22.89 -4.13 1.48
CA VAL A 369 -21.63 -3.52 1.08
C VAL A 369 -21.59 -2.12 1.68
N ILE A 370 -20.60 -1.87 2.53
CA ILE A 370 -20.41 -0.56 3.12
C ILE A 370 -19.61 0.30 2.16
N THR A 371 -20.07 1.54 1.93
CA THR A 371 -19.41 2.45 1.02
C THR A 371 -18.80 3.61 1.81
N SER A 372 -18.57 4.73 1.13
CA SER A 372 -17.96 5.88 1.79
C SER A 372 -18.92 6.51 2.78
N ILE A 373 -20.09 6.95 2.32
CA ILE A 373 -21.03 7.67 3.15
C ILE A 373 -22.38 6.95 3.16
N GLY A 374 -22.37 5.65 2.95
CA GLY A 374 -23.61 4.91 2.91
C GLY A 374 -23.40 3.41 2.93
N ALA A 375 -24.42 2.69 2.49
CA ALA A 375 -24.38 1.24 2.47
C ALA A 375 -25.37 0.70 1.44
N ILE A 376 -24.94 -0.31 0.70
CA ILE A 376 -25.79 -1.03 -0.24
C ILE A 376 -26.22 -2.34 0.41
N VAL A 377 -27.49 -2.70 0.24
CA VAL A 377 -28.04 -3.92 0.80
C VAL A 377 -28.68 -4.71 -0.34
N SER A 378 -28.24 -5.95 -0.52
CA SER A 378 -28.86 -6.89 -1.44
C SER A 378 -29.59 -7.92 -0.60
N CYS A 379 -30.91 -7.76 -0.48
CA CYS A 379 -31.73 -8.63 0.35
C CYS A 379 -32.50 -9.60 -0.54
N TYR A 380 -32.33 -10.90 -0.31
CA TYR A 380 -32.99 -11.93 -1.09
C TYR A 380 -33.36 -13.10 -0.20
N GLY A 381 -34.57 -13.63 -0.40
CA GLY A 381 -35.06 -14.72 0.40
C GLY A 381 -35.58 -14.25 1.75
N LYS A 382 -35.75 -15.21 2.66
CA LYS A 382 -36.22 -14.92 4.01
C LYS A 382 -35.16 -14.28 4.89
N THR A 383 -34.15 -13.64 4.30
CA THR A 383 -33.10 -12.99 5.09
C THR A 383 -33.66 -11.76 5.80
N LYS A 384 -33.26 -11.59 7.05
CA LYS A 384 -33.65 -10.42 7.84
C LYS A 384 -32.62 -9.32 7.59
N CYS A 385 -32.95 -8.40 6.69
CA CYS A 385 -32.07 -7.28 6.34
C CYS A 385 -32.64 -5.99 6.92
N THR A 386 -31.80 -5.24 7.63
CA THR A 386 -32.30 -4.03 8.29
C THR A 386 -31.17 -3.02 8.48
N ALA A 387 -31.58 -1.78 8.69
CA ALA A 387 -30.67 -0.69 9.06
C ALA A 387 -31.14 -0.11 10.37
N SER A 388 -30.23 0.02 11.33
CA SER A 388 -30.57 0.43 12.68
C SER A 388 -29.93 1.77 13.02
N ASN A 389 -30.50 2.45 14.00
CA ASN A 389 -30.06 3.76 14.46
C ASN A 389 -29.35 3.64 15.81
N LYS A 390 -28.52 4.66 16.10
CA LYS A 390 -27.74 4.64 17.34
C LYS A 390 -28.65 4.64 18.56
N ASN A 391 -29.72 5.42 18.53
CA ASN A 391 -30.58 5.62 19.70
C ASN A 391 -31.84 4.77 19.67
N ARG A 392 -32.62 4.86 18.59
CA ARG A 392 -33.96 4.29 18.54
C ARG A 392 -34.04 2.98 17.77
N GLY A 393 -32.91 2.29 17.61
CA GLY A 393 -32.95 0.95 17.03
C GLY A 393 -33.17 0.96 15.53
N ILE A 394 -34.02 0.05 15.06
CA ILE A 394 -34.23 -0.15 13.64
C ILE A 394 -35.02 1.02 13.06
N ILE A 395 -34.62 1.46 11.87
CA ILE A 395 -35.29 2.58 11.20
C ILE A 395 -35.79 2.23 9.81
N LYS A 396 -35.29 1.19 9.16
CA LYS A 396 -35.80 0.78 7.87
C LYS A 396 -35.56 -0.72 7.69
N THR A 397 -36.65 -1.46 7.51
CA THR A 397 -36.56 -2.85 7.10
C THR A 397 -36.43 -2.91 5.57
N PHE A 398 -35.50 -3.71 5.09
CA PHE A 398 -35.26 -3.83 3.66
C PHE A 398 -36.14 -4.92 3.06
N SER A 399 -36.79 -4.61 1.95
CA SER A 399 -37.50 -5.61 1.18
C SER A 399 -36.52 -6.42 0.35
N ASN A 400 -37.04 -7.39 -0.39
CA ASN A 400 -36.19 -8.17 -1.28
C ASN A 400 -35.78 -7.33 -2.49
N GLY A 401 -34.52 -7.46 -2.86
CA GLY A 401 -33.94 -6.67 -3.92
C GLY A 401 -32.75 -5.86 -3.43
N CYS A 402 -32.13 -5.16 -4.38
CA CYS A 402 -30.97 -4.34 -4.10
C CYS A 402 -31.41 -2.93 -3.73
N ASP A 403 -31.03 -2.49 -2.53
CA ASP A 403 -31.43 -1.18 -2.02
C ASP A 403 -30.22 -0.47 -1.43
N TYR A 404 -30.38 0.84 -1.23
CA TYR A 404 -29.31 1.70 -0.73
C TYR A 404 -29.88 2.66 0.31
N VAL A 405 -29.02 3.11 1.22
CA VAL A 405 -29.42 4.04 2.28
C VAL A 405 -28.25 4.98 2.55
N SER A 406 -28.56 6.27 2.68
CA SER A 406 -27.55 7.27 3.04
C SER A 406 -27.33 7.26 4.53
N ASN A 407 -26.09 7.56 4.95
CA ASN A 407 -25.71 7.41 6.35
C ASN A 407 -26.23 8.51 7.25
N LYS A 408 -27.06 9.43 6.75
CA LYS A 408 -27.57 10.52 7.56
C LYS A 408 -28.45 9.96 8.67
N GLY A 409 -27.94 9.97 9.89
CA GLY A 409 -28.66 9.46 11.04
C GLY A 409 -28.62 7.95 11.22
N VAL A 410 -28.00 7.22 10.29
CA VAL A 410 -27.90 5.77 10.36
C VAL A 410 -26.53 5.40 10.92
N ASP A 411 -26.47 4.26 11.60
CA ASP A 411 -25.21 3.86 12.23
C ASP A 411 -24.85 2.40 11.97
N THR A 412 -25.83 1.50 11.93
CA THR A 412 -25.56 0.08 11.77
C THR A 412 -26.52 -0.52 10.75
N VAL A 413 -26.08 -1.61 10.12
CA VAL A 413 -26.89 -2.36 9.18
C VAL A 413 -26.70 -3.84 9.46
N SER A 414 -27.80 -4.56 9.58
CA SER A 414 -27.78 -6.00 9.87
C SER A 414 -28.30 -6.77 8.67
N VAL A 415 -27.64 -7.88 8.35
CA VAL A 415 -28.05 -8.80 7.30
C VAL A 415 -27.93 -10.21 7.87
N GLY A 416 -29.06 -10.80 8.23
CA GLY A 416 -29.02 -12.09 8.91
C GLY A 416 -28.35 -12.02 10.26
N ASN A 417 -27.25 -12.75 10.42
CA ASN A 417 -26.47 -12.74 11.65
C ASN A 417 -25.23 -11.86 11.54
N THR A 418 -25.08 -11.12 10.45
CA THR A 418 -23.95 -10.23 10.23
C THR A 418 -24.39 -8.79 10.39
N LEU A 419 -23.64 -8.02 11.17
CA LEU A 419 -23.93 -6.60 11.41
C LEU A 419 -22.73 -5.78 10.97
N TYR A 420 -23.00 -4.70 10.24
CA TYR A 420 -21.96 -3.79 9.77
C TYR A 420 -22.16 -2.41 10.36
N TYR A 421 -21.05 -1.70 10.55
CA TYR A 421 -21.07 -0.28 10.92
C TYR A 421 -20.77 0.56 9.69
N VAL A 422 -21.54 1.62 9.50
CA VAL A 422 -21.34 2.51 8.37
C VAL A 422 -20.44 3.66 8.81
N ASN A 423 -19.48 4.03 7.95
CA ASN A 423 -18.62 5.16 8.22
C ASN A 423 -19.45 6.43 8.33
N LYS A 424 -19.34 7.12 9.46
CA LYS A 424 -20.16 8.30 9.71
C LYS A 424 -19.53 9.55 9.12
N LEU A 425 -18.72 9.40 8.08
CA LEU A 425 -18.29 10.54 7.28
C LEU A 425 -19.51 11.17 6.62
N GLU A 426 -19.73 12.45 6.89
CA GLU A 426 -20.93 13.13 6.42
C GLU A 426 -20.72 13.67 5.02
N GLY A 427 -21.74 13.52 4.19
CA GLY A 427 -21.67 13.95 2.81
C GLY A 427 -23.04 13.93 2.17
N LYS A 428 -23.08 14.39 0.93
CA LYS A 428 -24.32 14.50 0.17
C LYS A 428 -24.47 13.27 -0.71
N ALA A 429 -25.37 12.37 -0.35
CA ALA A 429 -25.64 11.16 -1.10
C ALA A 429 -26.86 11.35 -1.98
N LEU A 430 -26.75 10.93 -3.24
CA LEU A 430 -27.82 11.11 -4.21
C LEU A 430 -28.31 9.75 -4.70
N TYR A 431 -29.62 9.55 -4.68
CA TYR A 431 -30.22 8.32 -5.17
C TYR A 431 -30.64 8.51 -6.62
N ILE A 432 -30.22 7.59 -7.48
CA ILE A 432 -30.53 7.63 -8.90
C ILE A 432 -31.38 6.40 -9.21
N LYS A 433 -32.70 6.59 -9.22
CA LYS A 433 -33.61 5.48 -9.46
C LYS A 433 -33.49 4.99 -10.89
N GLY A 434 -33.81 3.71 -11.09
CA GLY A 434 -33.74 3.12 -12.41
C GLY A 434 -34.29 1.71 -12.40
N GLU A 435 -34.61 1.23 -13.59
CA GLU A 435 -35.12 -0.14 -13.74
C GLU A 435 -33.98 -1.13 -13.60
N PRO A 436 -34.01 -2.02 -12.61
CA PRO A 436 -32.93 -3.01 -12.44
C PRO A 436 -32.77 -3.87 -13.69
N ILE A 437 -31.59 -3.81 -14.30
CA ILE A 437 -31.36 -4.39 -15.61
C ILE A 437 -31.44 -5.91 -15.60
N ILE A 438 -31.57 -6.54 -14.43
CA ILE A 438 -31.74 -7.99 -14.39
C ILE A 438 -33.11 -8.40 -14.91
N ASN A 439 -34.06 -7.47 -14.95
CA ASN A 439 -35.40 -7.77 -15.44
C ASN A 439 -35.47 -7.80 -16.97
N TYR A 440 -34.59 -7.05 -17.64
CA TYR A 440 -34.52 -7.10 -19.10
C TYR A 440 -33.99 -8.44 -19.63
N TYR A 441 -33.85 -9.48 -18.82
CA TYR A 441 -33.34 -10.76 -19.27
C TYR A 441 -34.37 -11.86 -19.05
N ASP A 442 -34.32 -12.88 -19.91
CA ASP A 442 -35.20 -14.03 -19.83
C ASP A 442 -34.52 -15.16 -19.07
N PRO A 443 -35.15 -15.71 -18.03
CA PRO A 443 -34.47 -16.71 -17.20
C PRO A 443 -34.15 -18.02 -17.91
N LEU A 444 -34.83 -18.34 -19.02
CA LEU A 444 -34.58 -19.61 -19.70
C LEU A 444 -33.22 -19.61 -20.37
N VAL A 445 -32.89 -18.55 -21.13
CA VAL A 445 -31.64 -18.47 -21.87
C VAL A 445 -30.65 -17.60 -21.11
N PHE A 446 -30.65 -17.70 -19.79
CA PHE A 446 -29.69 -16.92 -19.01
C PHE A 446 -28.51 -17.80 -18.62
N PRO A 447 -27.28 -17.33 -18.82
CA PRO A 447 -26.11 -18.15 -18.49
C PRO A 447 -26.11 -18.59 -17.03
N SER A 448 -25.88 -19.89 -16.82
CA SER A 448 -25.88 -20.45 -15.47
C SER A 448 -24.83 -19.78 -14.59
N ASP A 449 -23.63 -19.54 -15.14
CA ASP A 449 -22.59 -18.84 -14.41
C ASP A 449 -21.53 -18.35 -15.38
N GLU A 450 -21.20 -17.07 -15.28
CA GLU A 450 -20.13 -16.44 -16.06
C GLU A 450 -19.16 -15.79 -15.08
N PHE A 451 -17.88 -16.17 -15.17
CA PHE A 451 -16.89 -15.67 -14.23
C PHE A 451 -16.65 -14.17 -14.42
N ASP A 452 -16.11 -13.79 -15.58
CA ASP A 452 -15.81 -12.40 -15.86
C ASP A 452 -16.23 -12.06 -17.29
N ALA A 453 -17.53 -12.23 -17.56
CA ALA A 453 -18.06 -11.93 -18.89
C ALA A 453 -18.35 -10.44 -19.04
N SER A 454 -19.12 -10.08 -20.07
CA SER A 454 -19.47 -8.69 -20.34
C SER A 454 -20.82 -8.67 -21.03
N ILE A 455 -21.33 -7.45 -21.23
CA ILE A 455 -22.65 -7.29 -21.85
C ILE A 455 -22.68 -7.92 -23.23
N ALA A 456 -21.63 -7.68 -24.03
CA ALA A 456 -21.59 -8.25 -25.37
C ALA A 456 -21.48 -9.77 -25.32
N GLN A 457 -20.69 -10.30 -24.38
CA GLN A 457 -20.46 -11.73 -24.33
C GLN A 457 -21.71 -12.49 -23.89
N VAL A 458 -22.57 -11.88 -23.07
CA VAL A 458 -23.78 -12.56 -22.65
C VAL A 458 -24.88 -12.40 -23.70
N ASN A 459 -24.96 -11.25 -24.35
CA ASN A 459 -25.92 -11.08 -25.43
C ASN A 459 -25.56 -11.94 -26.63
N ALA A 460 -24.28 -12.26 -26.80
CA ALA A 460 -23.88 -13.23 -27.81
C ALA A 460 -24.28 -14.64 -27.39
N LYS A 461 -24.07 -14.97 -26.12
CA LYS A 461 -24.48 -16.28 -25.62
C LYS A 461 -26.00 -16.43 -25.61
N ILE A 462 -26.72 -15.31 -25.44
CA ILE A 462 -28.17 -15.33 -25.62
C ILE A 462 -28.51 -15.54 -27.09
N ASN A 463 -27.86 -14.78 -27.98
CA ASN A 463 -28.03 -14.96 -29.41
C ASN A 463 -27.55 -16.31 -29.90
N GLN A 464 -26.86 -17.08 -29.05
CA GLN A 464 -26.42 -18.44 -29.37
C GLN A 464 -27.40 -19.49 -28.90
N SER A 465 -27.81 -19.43 -27.63
CA SER A 465 -28.80 -20.37 -27.12
C SER A 465 -30.16 -20.17 -27.80
N LEU A 466 -30.56 -18.91 -28.00
CA LEU A 466 -31.77 -18.62 -28.74
C LEU A 466 -31.64 -18.88 -30.23
N ALA A 467 -30.41 -19.07 -30.73
CA ALA A 467 -30.23 -19.39 -32.14
C ALA A 467 -30.77 -20.77 -32.48
N PHE A 468 -30.71 -21.71 -31.53
CA PHE A 468 -31.27 -23.03 -31.77
C PHE A 468 -32.80 -23.02 -31.68
N ILE A 469 -33.35 -22.35 -30.67
CA ILE A 469 -34.80 -22.31 -30.51
C ILE A 469 -35.44 -21.53 -31.66
N ARG A 470 -34.71 -20.57 -32.24
CA ARG A 470 -35.27 -19.77 -33.32
C ARG A 470 -35.36 -20.55 -34.63
N ARG A 471 -34.40 -21.44 -34.90
CA ARG A 471 -34.30 -22.11 -36.19
C ARG A 471 -34.51 -23.63 -36.07
N SER A 472 -35.37 -24.07 -35.15
CA SER A 472 -35.65 -25.50 -35.01
C SER A 472 -37.08 -25.83 -34.63
N ASP A 473 -37.86 -24.89 -34.08
CA ASP A 473 -39.22 -25.17 -33.66
C ASP A 473 -40.27 -24.85 -34.73
N GLU A 474 -39.84 -24.42 -35.92
CA GLU A 474 -40.76 -24.10 -36.99
C GLU A 474 -41.20 -25.33 -37.78
N LEU A 475 -40.81 -26.53 -37.36
CA LEU A 475 -41.23 -27.77 -37.99
C LEU A 475 -42.74 -27.92 -37.94
#